data_1Y7U
#
_entry.id   1Y7U
#
_cell.length_a   123.553
_cell.length_b   123.553
_cell.length_c   126.581
_cell.angle_alpha   90.00
_cell.angle_beta   90.00
_cell.angle_gamma   90.00
#
_symmetry.space_group_name_H-M   'P 43 21 2'
#
loop_
_entity.id
_entity.type
_entity.pdbx_description
1 polymer 'Acyl-CoA hydrolase'
2 non-polymer 'CALCIUM ION'
3 non-polymer 'SULFATE ION'
4 non-polymer 'COENZYME A'
5 water water
#
_entity_poly.entity_id   1
_entity_poly.type   'polypeptide(L)'
_entity_poly.pdbx_seq_one_letter_code
;SNA(MSE)IT(MSE)TEVKGKTANESRVFKTSRVFPTDLNDHNTLFGGKILSE(MSE)D(MSE)VASISASRHSRKECVT
AS(MSE)DWVDFLHPVRSSDCVSYESFVIWTGRTS(MSE)EVFVKVVSEYLISGEKRIAATSFVTFVALSKENNPVPVPR
VIPDTEEEKESHRIAVLRAEQRHIRKAESKKVATLLTF
;
_entity_poly.pdbx_strand_id   A,B,C
#
# COMPACT_ATOMS: atom_id res chain seq x y z
N LYS A 11 15.28 -11.12 -32.98
CA LYS A 11 14.59 -12.29 -33.59
C LYS A 11 13.07 -12.09 -33.66
N GLY A 12 12.30 -13.10 -33.25
CA GLY A 12 10.85 -13.02 -33.29
C GLY A 12 10.21 -13.91 -32.23
N LYS A 13 9.23 -13.37 -31.51
CA LYS A 13 8.55 -14.09 -30.43
C LYS A 13 7.07 -14.32 -30.63
N THR A 14 6.62 -15.50 -30.23
CA THR A 14 5.23 -15.87 -30.32
C THR A 14 4.40 -15.04 -29.33
N ALA A 15 3.19 -14.66 -29.72
CA ALA A 15 2.35 -13.84 -28.83
C ALA A 15 2.26 -14.48 -27.45
N ASN A 16 2.12 -15.80 -27.44
CA ASN A 16 2.00 -16.56 -26.19
C ASN A 16 3.23 -16.49 -25.29
N GLU A 17 4.34 -16.01 -25.84
CA GLU A 17 5.59 -15.87 -25.08
C GLU A 17 5.37 -14.81 -24.01
N SER A 18 4.45 -13.89 -24.28
CA SER A 18 4.19 -12.79 -23.35
C SER A 18 2.84 -12.83 -22.67
N ARG A 19 2.11 -13.93 -22.81
CA ARG A 19 0.79 -14.04 -22.18
C ARG A 19 0.93 -13.92 -20.65
N VAL A 20 -0.01 -13.21 -20.03
CA VAL A 20 -0.02 -13.02 -18.57
C VAL A 20 -1.43 -13.19 -18.02
N PHE A 21 -1.59 -14.09 -17.04
CA PHE A 21 -2.91 -14.29 -16.45
C PHE A 21 -2.94 -13.79 -15.02
N LYS A 22 -4.09 -13.26 -14.62
CA LYS A 22 -4.26 -12.79 -13.27
C LYS A 22 -5.71 -12.82 -12.89
N THR A 23 -6.08 -13.64 -11.93
CA THR A 23 -7.46 -13.66 -11.49
C THR A 23 -7.48 -13.22 -10.03
N SER A 24 -8.38 -12.28 -9.71
CA SER A 24 -8.49 -11.75 -8.37
C SER A 24 -9.89 -11.79 -7.83
N ARG A 25 -9.97 -11.53 -6.53
CA ARG A 25 -11.22 -11.49 -5.80
C ARG A 25 -11.66 -10.02 -5.90
N VAL A 26 -12.93 -9.74 -5.67
CA VAL A 26 -13.39 -8.35 -5.73
C VAL A 26 -13.55 -7.81 -4.31
N PHE A 27 -12.57 -7.03 -3.86
CA PHE A 27 -12.61 -6.46 -2.52
C PHE A 27 -13.49 -5.22 -2.37
N PRO A 28 -14.15 -5.08 -1.21
CA PRO A 28 -15.06 -3.96 -0.92
C PRO A 28 -14.45 -2.58 -1.19
N THR A 29 -13.18 -2.41 -0.87
CA THR A 29 -12.48 -1.15 -1.09
C THR A 29 -12.71 -0.60 -2.49
N ASP A 30 -12.62 -1.48 -3.48
CA ASP A 30 -12.78 -1.13 -4.87
C ASP A 30 -14.23 -1.10 -5.38
N LEU A 31 -15.20 -1.37 -4.51
CA LEU A 31 -16.58 -1.32 -4.96
C LEU A 31 -17.19 0.05 -4.68
N ASN A 32 -17.92 0.58 -5.64
CA ASN A 32 -18.54 1.87 -5.43
C ASN A 32 -19.86 1.62 -4.72
N ASP A 33 -20.69 2.65 -4.71
N ASP A 33 -20.73 2.62 -4.64
CA ASP A 33 -22.00 2.66 -4.07
CA ASP A 33 -21.98 2.41 -3.94
C ASP A 33 -23.03 1.69 -4.66
C ASP A 33 -23.00 1.51 -4.61
N HIS A 34 -22.88 1.32 -5.92
CA HIS A 34 -23.80 0.42 -6.60
C HIS A 34 -23.29 -1.00 -6.64
N ASN A 35 -22.32 -1.31 -5.79
CA ASN A 35 -21.73 -2.65 -5.76
C ASN A 35 -21.20 -3.04 -7.13
N THR A 36 -20.30 -2.22 -7.65
CA THR A 36 -19.65 -2.49 -8.91
C THR A 36 -18.30 -1.81 -8.79
N LEU A 37 -17.29 -2.38 -9.42
CA LEU A 37 -15.94 -1.84 -9.35
C LEU A 37 -15.87 -0.43 -9.92
N PHE A 38 -14.90 0.33 -9.42
CA PHE A 38 -14.67 1.66 -9.95
C PHE A 38 -13.97 1.35 -11.26
N GLY A 39 -14.23 2.15 -12.30
CA GLY A 39 -13.59 1.89 -13.57
C GLY A 39 -12.09 1.91 -13.39
N GLY A 40 -11.61 2.80 -12.54
CA GLY A 40 -10.18 2.91 -12.30
C GLY A 40 -9.53 1.60 -11.89
N LYS A 41 -10.17 0.88 -10.99
CA LYS A 41 -9.59 -0.38 -10.54
C LYS A 41 -9.26 -1.26 -11.74
N ILE A 42 -10.21 -1.42 -12.65
CA ILE A 42 -9.99 -2.24 -13.83
C ILE A 42 -8.87 -1.67 -14.71
N LEU A 43 -8.89 -0.37 -14.95
CA LEU A 43 -7.86 0.25 -15.77
C LEU A 43 -6.48 0.07 -15.14
N SER A 44 -6.36 0.32 -13.84
CA SER A 44 -5.07 0.16 -13.19
C SER A 44 -4.57 -1.27 -13.42
N GLU A 45 -5.48 -2.22 -13.26
CA GLU A 45 -5.11 -3.61 -13.43
C GLU A 45 -4.78 -4.00 -14.87
N ASP A 47 -3.48 -2.14 -17.22
CA ASP A 47 -2.14 -1.60 -17.48
C ASP A 47 -1.07 -2.43 -16.78
N VAL A 49 -1.03 -5.70 -15.64
CA VAL A 49 -0.84 -7.01 -16.23
C VAL A 49 -0.22 -6.87 -17.64
N ALA A 50 -0.54 -5.77 -18.31
CA ALA A 50 -0.01 -5.52 -19.65
C ALA A 50 1.45 -5.09 -19.62
N SER A 51 1.84 -4.34 -18.60
CA SER A 51 3.21 -3.89 -18.47
C SER A 51 4.09 -5.12 -18.27
N ILE A 52 3.52 -6.16 -17.67
CA ILE A 52 4.29 -7.39 -17.44
C ILE A 52 4.47 -8.07 -18.79
N SER A 53 3.43 -8.10 -19.61
CA SER A 53 3.53 -8.71 -20.93
C SER A 53 4.59 -7.95 -21.72
N ALA A 54 4.55 -6.63 -21.63
CA ALA A 54 5.51 -5.81 -22.34
C ALA A 54 6.94 -6.19 -21.99
N SER A 55 7.25 -6.34 -20.71
CA SER A 55 8.61 -6.68 -20.34
C SER A 55 8.98 -8.14 -20.61
N ARG A 56 8.00 -9.03 -20.58
CA ARG A 56 8.31 -10.43 -20.88
C ARG A 56 8.75 -10.55 -22.33
N HIS A 57 8.04 -9.84 -23.21
CA HIS A 57 8.34 -9.87 -24.64
C HIS A 57 9.64 -9.15 -24.94
N SER A 58 9.75 -7.93 -24.46
CA SER A 58 10.93 -7.11 -24.70
C SER A 58 12.13 -7.39 -23.83
N ARG A 59 11.90 -7.97 -22.65
CA ARG A 59 12.98 -8.24 -21.71
C ARG A 59 13.67 -6.91 -21.44
N LYS A 60 12.92 -5.82 -21.60
CA LYS A 60 13.42 -4.48 -21.35
C LYS A 60 12.52 -3.80 -20.34
N GLU A 61 12.97 -2.68 -19.80
CA GLU A 61 12.19 -1.93 -18.82
C GLU A 61 11.24 -1.08 -19.66
N CYS A 62 9.95 -1.36 -19.60
CA CYS A 62 8.99 -0.61 -20.38
C CYS A 62 8.21 0.48 -19.67
N VAL A 63 7.62 1.35 -20.48
CA VAL A 63 6.83 2.48 -20.02
C VAL A 63 5.52 2.49 -20.79
N THR A 64 4.43 2.91 -20.17
CA THR A 64 3.16 2.91 -20.88
C THR A 64 2.92 4.20 -21.64
N ALA A 65 2.78 4.07 -22.95
CA ALA A 65 2.57 5.22 -23.84
C ALA A 65 1.12 5.62 -24.00
N SER A 66 0.22 4.65 -24.06
CA SER A 66 -1.18 5.00 -24.23
C SER A 66 -2.16 3.91 -23.84
N ASP A 68 -6.02 2.56 -25.04
CA ASP A 68 -7.06 2.71 -26.06
C ASP A 68 -8.37 2.95 -25.31
N TRP A 69 -9.37 3.52 -25.95
CA TRP A 69 -10.61 3.74 -25.22
C TRP A 69 -11.13 2.43 -24.63
N VAL A 70 -11.84 2.51 -23.52
CA VAL A 70 -12.36 1.33 -22.85
C VAL A 70 -13.83 1.46 -22.53
N ASP A 71 -14.62 0.45 -22.93
CA ASP A 71 -16.05 0.43 -22.66
C ASP A 71 -16.32 -0.61 -21.60
N PHE A 72 -17.00 -0.23 -20.53
CA PHE A 72 -17.31 -1.20 -19.50
C PHE A 72 -18.65 -1.84 -19.84
N LEU A 73 -18.55 -2.92 -20.60
CA LEU A 73 -19.70 -3.69 -21.09
C LEU A 73 -20.66 -4.18 -20.03
N HIS A 74 -20.15 -4.70 -18.92
CA HIS A 74 -21.03 -5.16 -17.84
C HIS A 74 -20.40 -4.78 -16.53
N PRO A 75 -21.18 -4.80 -15.45
CA PRO A 75 -20.61 -4.45 -14.15
C PRO A 75 -19.93 -5.67 -13.57
N VAL A 76 -18.98 -5.43 -12.67
CA VAL A 76 -18.27 -6.49 -11.98
C VAL A 76 -18.62 -6.25 -10.52
N ARG A 77 -19.40 -7.14 -9.93
CA ARG A 77 -19.84 -6.98 -8.55
C ARG A 77 -19.05 -7.82 -7.54
N SER A 78 -19.44 -7.71 -6.27
CA SER A 78 -18.79 -8.44 -5.19
C SER A 78 -19.01 -9.94 -5.34
N SER A 79 -20.12 -10.31 -5.93
CA SER A 79 -20.46 -11.72 -6.14
C SER A 79 -19.62 -12.27 -7.27
N ASP A 80 -18.85 -11.39 -7.91
CA ASP A 80 -18.02 -11.80 -9.03
C ASP A 80 -16.59 -12.09 -8.68
N CYS A 81 -15.85 -12.40 -9.72
CA CYS A 81 -14.45 -12.74 -9.65
C CYS A 81 -13.87 -12.20 -10.95
N VAL A 82 -12.77 -11.46 -10.89
CA VAL A 82 -12.17 -10.92 -12.10
C VAL A 82 -10.85 -11.56 -12.46
N SER A 83 -10.63 -11.74 -13.75
CA SER A 83 -9.40 -12.30 -14.26
C SER A 83 -9.00 -11.47 -15.47
N TYR A 84 -7.70 -11.20 -15.60
CA TYR A 84 -7.19 -10.43 -16.69
C TYR A 84 -6.28 -11.32 -17.52
N GLU A 85 -6.25 -11.09 -18.82
CA GLU A 85 -5.37 -11.85 -19.68
C GLU A 85 -4.78 -10.82 -20.62
N SER A 86 -3.48 -10.93 -20.87
CA SER A 86 -2.85 -9.99 -21.75
C SER A 86 -1.66 -10.60 -22.47
N PHE A 87 -1.44 -10.12 -23.69
CA PHE A 87 -0.31 -10.56 -24.49
C PHE A 87 -0.06 -9.51 -25.55
N VAL A 88 1.17 -9.47 -26.04
CA VAL A 88 1.56 -8.53 -27.07
C VAL A 88 1.05 -9.09 -28.40
N ILE A 89 0.44 -8.27 -29.25
CA ILE A 89 -0.01 -8.78 -30.54
C ILE A 89 0.57 -8.01 -31.69
N TRP A 90 0.81 -6.73 -31.50
CA TRP A 90 1.36 -5.91 -32.56
C TRP A 90 2.64 -5.26 -32.07
N THR A 91 3.63 -5.15 -32.93
CA THR A 91 4.87 -4.49 -32.54
C THR A 91 5.35 -3.53 -33.59
N GLY A 92 5.94 -2.44 -33.11
CA GLY A 92 6.50 -1.44 -34.00
C GLY A 92 7.96 -1.77 -33.95
N ARG A 93 8.82 -0.76 -34.03
CA ARG A 93 10.24 -1.04 -33.97
C ARG A 93 10.66 -0.98 -32.52
N THR A 94 10.10 0.01 -31.83
CA THR A 94 10.41 0.27 -30.46
C THR A 94 9.23 0.08 -29.51
N SER A 95 8.02 0.09 -30.04
CA SER A 95 6.82 -0.05 -29.22
C SER A 95 6.08 -1.35 -29.47
N GLU A 97 1.95 -3.27 -28.84
CA GLU A 97 0.58 -3.13 -28.39
C GLU A 97 0.16 -4.38 -27.68
N VAL A 98 -0.29 -4.20 -26.44
CA VAL A 98 -0.70 -5.31 -25.62
C VAL A 98 -2.21 -5.35 -25.51
N PHE A 99 -2.77 -6.49 -25.87
CA PHE A 99 -4.21 -6.68 -25.79
C PHE A 99 -4.51 -7.11 -24.37
N VAL A 100 -5.61 -6.61 -23.80
CA VAL A 100 -5.98 -6.98 -22.45
C VAL A 100 -7.44 -7.35 -22.44
N LYS A 101 -7.72 -8.46 -21.79
CA LYS A 101 -9.06 -9.01 -21.71
C LYS A 101 -9.46 -9.11 -20.23
N VAL A 102 -10.65 -8.61 -19.89
CA VAL A 102 -11.13 -8.66 -18.52
C VAL A 102 -12.44 -9.46 -18.45
N VAL A 103 -12.41 -10.56 -17.70
CA VAL A 103 -13.56 -11.43 -17.56
C VAL A 103 -14.03 -11.59 -16.13
N SER A 104 -15.32 -11.35 -15.91
CA SER A 104 -15.89 -11.50 -14.58
C SER A 104 -16.57 -12.87 -14.51
N GLU A 105 -16.54 -13.49 -13.35
CA GLU A 105 -17.14 -14.81 -13.21
C GLU A 105 -17.93 -14.92 -11.91
N TYR A 106 -19.19 -15.35 -12.04
CA TYR A 106 -20.05 -15.50 -10.87
C TYR A 106 -19.52 -16.65 -10.01
N LEU A 107 -19.35 -16.39 -8.72
CA LEU A 107 -18.83 -17.39 -7.81
C LEU A 107 -19.74 -18.60 -7.60
N ILE A 108 -21.04 -18.41 -7.78
CA ILE A 108 -21.99 -19.50 -7.60
C ILE A 108 -22.44 -20.14 -8.91
N SER A 109 -22.57 -19.34 -9.96
CA SER A 109 -23.01 -19.82 -11.28
C SER A 109 -21.88 -20.37 -12.11
N GLY A 110 -20.80 -19.62 -12.20
CA GLY A 110 -19.68 -20.01 -13.03
C GLY A 110 -19.82 -19.19 -14.30
N GLU A 111 -20.98 -18.55 -14.44
CA GLU A 111 -21.28 -17.70 -15.59
C GLU A 111 -20.17 -16.69 -15.79
N LYS A 112 -19.45 -16.80 -16.90
CA LYS A 112 -18.39 -15.86 -17.19
C LYS A 112 -18.91 -14.90 -18.25
N ARG A 113 -18.21 -13.79 -18.43
CA ARG A 113 -18.55 -12.82 -19.47
C ARG A 113 -17.48 -11.75 -19.48
N ILE A 114 -17.13 -11.29 -20.67
CA ILE A 114 -16.09 -10.29 -20.80
C ILE A 114 -16.64 -8.89 -20.48
N ALA A 115 -16.11 -8.29 -19.42
CA ALA A 115 -16.53 -6.98 -18.96
C ALA A 115 -15.85 -5.82 -19.65
N ALA A 116 -14.68 -6.09 -20.24
CA ALA A 116 -13.94 -5.05 -20.94
C ALA A 116 -12.70 -5.60 -21.62
N THR A 117 -12.26 -4.90 -22.66
CA THR A 117 -11.05 -5.27 -23.39
C THR A 117 -10.40 -3.96 -23.83
N SER A 118 -9.15 -4.02 -24.26
CA SER A 118 -8.48 -2.82 -24.73
C SER A 118 -7.06 -3.15 -25.18
N PHE A 119 -6.37 -2.13 -25.69
CA PHE A 119 -5.01 -2.30 -26.12
C PHE A 119 -4.21 -1.24 -25.40
N VAL A 120 -3.10 -1.65 -24.82
CA VAL A 120 -2.26 -0.71 -24.11
C VAL A 120 -0.95 -0.67 -24.88
N THR A 121 -0.45 0.52 -25.16
CA THR A 121 0.79 0.64 -25.90
C THR A 121 1.95 0.92 -24.96
N PHE A 122 3.02 0.14 -25.11
CA PHE A 122 4.23 0.31 -24.29
C PHE A 122 5.44 0.58 -25.17
N VAL A 123 6.40 1.34 -24.63
CA VAL A 123 7.64 1.65 -25.35
C VAL A 123 8.83 1.20 -24.53
N ALA A 124 9.67 0.36 -25.12
CA ALA A 124 10.85 -0.14 -24.41
C ALA A 124 11.91 0.96 -24.36
N LEU A 125 12.45 1.21 -23.18
CA LEU A 125 13.47 2.24 -23.05
C LEU A 125 14.80 1.76 -22.51
N SER A 126 15.86 2.45 -22.92
CA SER A 126 17.21 2.13 -22.47
C SER A 126 17.40 2.83 -21.14
N LYS A 127 18.42 2.43 -20.41
CA LYS A 127 18.70 3.03 -19.10
C LYS A 127 18.76 4.56 -19.15
N GLU A 128 18.82 5.15 -20.35
CA GLU A 128 18.86 6.60 -20.47
C GLU A 128 17.70 7.18 -21.29
N ASN A 129 16.51 6.59 -21.12
CA ASN A 129 15.31 7.07 -21.81
C ASN A 129 15.35 7.13 -23.33
N ASN A 130 16.03 6.18 -23.96
CA ASN A 130 16.09 6.13 -25.41
C ASN A 130 15.28 4.92 -25.86
N PRO A 131 14.30 5.14 -26.76
CA PRO A 131 13.52 3.98 -27.21
C PRO A 131 14.48 2.93 -27.74
N VAL A 132 14.15 1.66 -27.55
CA VAL A 132 15.01 0.57 -27.96
C VAL A 132 14.28 -0.52 -28.74
N PRO A 133 14.89 -1.00 -29.83
CA PRO A 133 14.25 -2.05 -30.63
C PRO A 133 13.69 -3.20 -29.79
N VAL A 134 12.59 -3.77 -30.27
CA VAL A 134 11.86 -4.83 -29.60
C VAL A 134 11.60 -5.99 -30.55
N PRO A 135 11.61 -7.23 -30.04
CA PRO A 135 11.35 -8.39 -30.90
C PRO A 135 10.07 -8.22 -31.71
N ARG A 136 9.87 -9.08 -32.71
CA ARG A 136 8.68 -9.01 -33.53
C ARG A 136 7.72 -10.02 -32.91
N VAL A 137 6.42 -9.79 -33.03
CA VAL A 137 5.46 -10.73 -32.48
C VAL A 137 5.00 -11.63 -33.60
N ILE A 138 4.65 -12.86 -33.27
CA ILE A 138 4.14 -13.77 -34.27
C ILE A 138 2.91 -14.46 -33.69
N PRO A 139 1.73 -14.08 -34.20
CA PRO A 139 0.40 -14.60 -33.83
C PRO A 139 0.24 -16.05 -34.27
N ASP A 140 -0.15 -16.93 -33.35
CA ASP A 140 -0.34 -18.34 -33.69
C ASP A 140 -1.81 -18.64 -33.94
N THR A 141 -2.60 -18.58 -32.89
CA THR A 141 -4.04 -18.86 -32.92
C THR A 141 -4.78 -18.06 -33.99
N GLU A 142 -5.98 -18.52 -34.36
CA GLU A 142 -6.78 -17.80 -35.35
C GLU A 142 -7.26 -16.53 -34.67
N GLU A 143 -7.58 -16.67 -33.39
CA GLU A 143 -8.05 -15.56 -32.58
C GLU A 143 -6.97 -14.49 -32.49
N GLU A 144 -5.73 -14.93 -32.29
CA GLU A 144 -4.61 -14.01 -32.19
C GLU A 144 -4.39 -13.27 -33.50
N LYS A 145 -4.66 -13.92 -34.61
CA LYS A 145 -4.49 -13.29 -35.92
C LYS A 145 -5.54 -12.20 -36.11
N GLU A 146 -6.77 -12.47 -35.66
CA GLU A 146 -7.83 -11.49 -35.76
C GLU A 146 -7.49 -10.30 -34.86
N SER A 147 -7.09 -10.60 -33.63
CA SER A 147 -6.75 -9.55 -32.71
C SER A 147 -5.58 -8.73 -33.28
N HIS A 148 -4.69 -9.39 -34.01
CA HIS A 148 -3.55 -8.67 -34.58
C HIS A 148 -3.99 -7.72 -35.71
N ARG A 149 -5.02 -8.15 -36.45
CA ARG A 149 -5.57 -7.34 -37.55
C ARG A 149 -6.15 -6.07 -36.93
N ILE A 150 -6.94 -6.26 -35.89
CA ILE A 150 -7.57 -5.14 -35.20
C ILE A 150 -6.50 -4.23 -34.63
N ALA A 151 -5.46 -4.84 -34.04
CA ALA A 151 -4.39 -4.05 -33.46
C ALA A 151 -3.70 -3.22 -34.54
N VAL A 152 -3.60 -3.78 -35.74
CA VAL A 152 -2.99 -3.08 -36.86
C VAL A 152 -3.75 -1.79 -37.17
N LEU A 153 -5.07 -1.88 -37.16
CA LEU A 153 -5.91 -0.72 -37.45
C LEU A 153 -5.89 0.31 -36.33
N ARG A 154 -5.78 -0.16 -35.10
N ARG A 154 -5.80 -0.13 -35.09
CA ARG A 154 -5.74 0.71 -33.94
CA ARG A 154 -5.77 0.84 -34.01
C ARG A 154 -4.42 1.45 -33.87
C ARG A 154 -4.41 1.50 -33.89
N ALA A 155 -3.38 0.83 -34.42
CA ALA A 155 -2.04 1.39 -34.42
C ALA A 155 -1.91 2.49 -35.47
N GLU A 156 -2.90 2.59 -36.34
CA GLU A 156 -2.90 3.62 -37.38
C GLU A 156 -3.49 4.94 -36.87
N GLN A 157 -4.56 4.85 -36.09
N GLN A 157 -4.59 4.90 -36.13
CA GLN A 157 -5.22 6.02 -35.53
CA GLN A 157 -5.14 6.14 -35.61
C GLN A 157 -4.41 6.60 -34.38
C GLN A 157 -4.37 6.64 -34.39
N ARG A 158 -3.40 5.85 -33.95
CA ARG A 158 -2.56 6.21 -32.83
C ARG A 158 -2.04 7.64 -32.95
N HIS A 159 -1.58 7.96 -34.16
CA HIS A 159 -1.01 9.25 -34.48
C HIS A 159 -2.02 10.39 -34.41
N ILE A 160 -3.24 10.15 -34.89
CA ILE A 160 -4.27 11.17 -34.83
C ILE A 160 -4.53 11.45 -33.35
N ARG A 161 -4.81 10.40 -32.60
N ARG A 161 -4.81 10.40 -32.60
CA ARG A 161 -5.08 10.50 -31.17
CA ARG A 161 -5.08 10.50 -31.17
C ARG A 161 -4.01 11.34 -30.46
C ARG A 161 -4.01 11.34 -30.46
N LYS A 162 -2.76 10.90 -30.55
CA LYS A 162 -1.67 11.61 -29.92
C LYS A 162 -1.78 13.09 -30.29
N ALA A 163 -1.97 13.35 -31.58
CA ALA A 163 -2.08 14.71 -32.06
C ALA A 163 -3.20 15.46 -31.35
N GLU A 164 -4.37 14.86 -31.24
CA GLU A 164 -5.46 15.54 -30.56
C GLU A 164 -5.10 15.77 -29.09
N SER A 165 -4.38 14.83 -28.50
CA SER A 165 -3.99 14.95 -27.11
C SER A 165 -3.05 16.13 -26.93
N LYS A 166 -2.07 16.27 -27.80
CA LYS A 166 -1.14 17.38 -27.72
C LYS A 166 -1.87 18.70 -27.95
N LYS A 167 -2.93 18.67 -28.75
CA LYS A 167 -3.69 19.87 -29.04
C LYS A 167 -4.39 20.35 -27.77
N VAL A 168 -5.09 19.45 -27.10
CA VAL A 168 -5.79 19.81 -25.87
C VAL A 168 -4.82 20.28 -24.79
N ALA A 169 -3.65 19.66 -24.73
CA ALA A 169 -2.65 20.05 -23.75
C ALA A 169 -2.29 21.52 -23.90
N THR A 170 -1.67 21.88 -25.02
CA THR A 170 -1.25 23.27 -25.27
C THR A 170 -2.34 24.29 -24.96
N LEU A 171 -3.57 23.96 -25.33
CA LEU A 171 -4.73 24.83 -25.09
C LEU A 171 -5.09 24.97 -23.61
N LEU A 172 -4.49 24.15 -22.77
CA LEU A 172 -4.83 24.17 -21.35
C LEU A 172 -4.00 24.98 -20.40
N THR A 173 -4.65 25.32 -19.30
CA THR A 173 -4.10 26.09 -18.19
C THR A 173 -3.65 25.09 -17.12
N PHE A 174 -2.59 25.44 -16.40
CA PHE A 174 -2.06 24.57 -15.36
C PHE A 174 -2.66 24.89 -13.99
N LYS B 11 27.43 -13.23 25.63
CA LYS B 11 26.82 -13.25 24.27
C LYS B 11 25.79 -14.37 24.18
N GLY B 12 24.70 -14.20 24.92
CA GLY B 12 23.62 -15.17 24.95
C GLY B 12 22.42 -14.33 25.34
N LYS B 13 21.41 -14.28 24.49
CA LYS B 13 20.23 -13.46 24.78
C LYS B 13 19.06 -14.24 25.31
N THR B 14 18.30 -13.57 26.17
CA THR B 14 17.13 -14.17 26.78
C THR B 14 16.02 -14.18 25.72
N ALA B 15 15.20 -15.22 25.71
CA ALA B 15 14.11 -15.28 24.74
C ALA B 15 13.28 -13.99 24.72
N ASN B 16 13.03 -13.46 25.92
CA ASN B 16 12.24 -12.25 26.05
C ASN B 16 12.82 -11.01 25.37
N GLU B 17 14.13 -11.03 25.06
CA GLU B 17 14.73 -9.88 24.40
C GLU B 17 14.32 -9.73 22.95
N SER B 18 13.68 -10.76 22.40
CA SER B 18 13.26 -10.72 21.01
C SER B 18 11.74 -10.82 20.90
N ARG B 19 11.08 -10.80 22.05
CA ARG B 19 9.63 -10.88 22.10
C ARG B 19 9.03 -9.64 21.43
N VAL B 20 8.04 -9.85 20.58
CA VAL B 20 7.39 -8.78 19.85
C VAL B 20 5.85 -8.91 19.92
N PHE B 21 5.16 -7.79 20.12
CA PHE B 21 3.70 -7.82 20.18
C PHE B 21 3.08 -6.91 19.11
N LYS B 22 1.84 -7.23 18.75
CA LYS B 22 1.09 -6.43 17.80
C LYS B 22 -0.38 -6.76 17.92
N THR B 23 -1.20 -5.73 18.09
CA THR B 23 -2.63 -5.92 18.17
C THR B 23 -3.24 -5.08 17.07
N SER B 24 -4.09 -5.68 16.25
CA SER B 24 -4.71 -4.95 15.16
C SER B 24 -6.20 -5.16 15.13
N ARG B 25 -6.91 -4.31 14.38
N ARG B 25 -6.89 -4.32 14.35
CA ARG B 25 -8.34 -4.47 14.24
CA ARG B 25 -8.33 -4.44 14.19
C ARG B 25 -8.49 -5.42 13.05
C ARG B 25 -8.48 -5.42 13.05
N VAL B 26 -9.70 -5.86 12.78
CA VAL B 26 -9.94 -6.78 11.68
C VAL B 26 -10.69 -5.98 10.64
N PHE B 27 -10.00 -5.61 9.56
CA PHE B 27 -10.59 -4.80 8.50
C PHE B 27 -11.35 -5.60 7.47
N PRO B 28 -12.37 -4.98 6.86
CA PRO B 28 -13.18 -5.67 5.85
C PRO B 28 -12.37 -6.30 4.71
N THR B 29 -11.33 -5.61 4.27
CA THR B 29 -10.50 -6.11 3.18
C THR B 29 -9.98 -7.52 3.42
N ASP B 30 -9.66 -7.84 4.67
CA ASP B 30 -9.12 -9.16 4.98
C ASP B 30 -10.15 -10.22 5.37
N LEU B 31 -11.41 -10.01 5.02
CA LEU B 31 -12.45 -10.97 5.35
C LEU B 31 -13.09 -11.57 4.12
N ASN B 32 -13.29 -12.89 4.13
CA ASN B 32 -13.95 -13.58 3.02
C ASN B 32 -15.46 -13.42 3.25
N ASP B 33 -16.29 -14.15 2.50
CA ASP B 33 -17.73 -13.98 2.64
C ASP B 33 -18.32 -14.60 3.89
N HIS B 34 -17.46 -15.02 4.81
CA HIS B 34 -17.93 -15.59 6.08
C HIS B 34 -17.45 -14.73 7.24
N ASN B 35 -17.14 -13.48 6.95
N ASN B 35 -17.21 -13.46 7.00
CA ASN B 35 -16.68 -12.55 7.96
CA ASN B 35 -16.76 -12.58 8.07
C ASN B 35 -15.66 -13.20 8.89
C ASN B 35 -15.69 -13.27 8.91
N THR B 36 -14.75 -13.93 8.26
CA THR B 36 -13.65 -14.61 8.92
C THR B 36 -12.42 -14.15 8.10
N LEU B 37 -11.29 -13.94 8.77
CA LEU B 37 -10.06 -13.52 8.10
C LEU B 37 -9.56 -14.55 7.09
N PHE B 38 -8.87 -14.08 6.04
CA PHE B 38 -8.30 -15.02 5.08
C PHE B 38 -7.11 -15.61 5.85
N GLY B 39 -6.91 -16.91 5.75
CA GLY B 39 -5.80 -17.52 6.47
C GLY B 39 -4.51 -16.77 6.15
N GLY B 40 -4.38 -16.41 4.88
CA GLY B 40 -3.20 -15.71 4.41
C GLY B 40 -2.87 -14.45 5.19
N LYS B 41 -3.90 -13.69 5.55
CA LYS B 41 -3.68 -12.47 6.31
C LYS B 41 -2.93 -12.82 7.59
N ILE B 42 -3.42 -13.82 8.33
CA ILE B 42 -2.78 -14.25 9.56
C ILE B 42 -1.34 -14.72 9.30
N LEU B 43 -1.16 -15.55 8.27
CA LEU B 43 0.16 -16.05 7.93
C LEU B 43 1.13 -14.91 7.70
N SER B 44 0.69 -13.88 6.98
CA SER B 44 1.55 -12.73 6.70
C SER B 44 2.00 -12.01 7.95
N GLU B 45 1.05 -11.78 8.85
CA GLU B 45 1.34 -11.11 10.10
C GLU B 45 2.26 -11.96 10.99
N ASP B 47 4.72 -14.00 9.96
CA ASP B 47 6.08 -13.86 9.44
C ASP B 47 6.60 -12.46 9.76
N VAL B 49 5.83 -10.28 12.24
CA VAL B 49 6.13 -10.17 13.64
C VAL B 49 7.31 -11.05 14.03
N ALA B 50 7.43 -12.22 13.40
CA ALA B 50 8.52 -13.13 13.70
C ALA B 50 9.85 -12.67 13.10
N SER B 51 9.78 -11.88 12.03
CA SER B 51 11.00 -11.38 11.40
C SER B 51 11.58 -10.25 12.25
N ILE B 52 10.71 -9.50 12.90
CA ILE B 52 11.16 -8.42 13.74
C ILE B 52 11.84 -9.05 14.94
N SER B 53 11.29 -10.16 15.43
CA SER B 53 11.92 -10.85 16.55
C SER B 53 13.30 -11.35 16.11
N ALA B 54 13.36 -11.94 14.93
CA ALA B 54 14.63 -12.46 14.41
C ALA B 54 15.72 -11.40 14.34
N SER B 55 15.41 -10.19 13.88
CA SER B 55 16.46 -9.19 13.82
C SER B 55 16.69 -8.56 15.19
N ARG B 56 15.69 -8.59 16.06
CA ARG B 56 15.88 -8.05 17.40
C ARG B 56 17.01 -8.87 18.02
N HIS B 57 16.87 -10.19 17.89
CA HIS B 57 17.82 -11.12 18.43
C HIS B 57 19.15 -11.23 17.66
N SER B 58 19.09 -11.33 16.34
CA SER B 58 20.31 -11.44 15.56
C SER B 58 20.95 -10.08 15.30
N ARG B 59 20.14 -9.03 15.35
CA ARG B 59 20.63 -7.69 15.06
C ARG B 59 21.31 -7.66 13.70
N LYS B 60 20.75 -8.45 12.80
CA LYS B 60 21.18 -8.58 11.42
C LYS B 60 19.87 -8.61 10.64
N GLU B 61 19.91 -8.36 9.33
CA GLU B 61 18.68 -8.42 8.56
C GLU B 61 18.47 -9.89 8.27
N CYS B 62 17.25 -10.36 8.51
CA CYS B 62 16.96 -11.77 8.28
C CYS B 62 16.00 -12.09 7.16
N VAL B 63 16.22 -13.29 6.63
CA VAL B 63 15.46 -13.85 5.54
C VAL B 63 14.67 -15.04 6.08
N THR B 64 13.39 -15.17 5.71
CA THR B 64 12.60 -16.29 6.21
C THR B 64 12.88 -17.56 5.40
N ALA B 65 13.28 -18.62 6.09
CA ALA B 65 13.64 -19.90 5.47
C ALA B 65 12.50 -20.85 5.29
N SER B 66 11.67 -21.00 6.32
CA SER B 66 10.55 -21.91 6.24
C SER B 66 9.44 -21.55 7.24
N ASP B 68 6.46 -23.34 9.53
CA ASP B 68 5.95 -24.61 10.01
C ASP B 68 4.48 -24.71 9.61
N TRP B 69 3.96 -25.93 9.64
CA TRP B 69 2.58 -26.17 9.29
C TRP B 69 1.67 -25.35 10.23
N VAL B 70 0.52 -24.90 9.74
CA VAL B 70 -0.38 -24.10 10.56
C VAL B 70 -1.85 -24.46 10.48
N ASP B 71 -2.42 -24.75 11.65
CA ASP B 71 -3.85 -25.10 11.81
C ASP B 71 -4.62 -23.90 12.32
N PHE B 72 -5.65 -23.49 11.58
CA PHE B 72 -6.45 -22.37 12.03
C PHE B 72 -7.56 -22.90 12.92
N LEU B 73 -7.26 -22.98 14.21
CA LEU B 73 -8.16 -23.50 15.21
C LEU B 73 -9.51 -22.80 15.34
N HIS B 74 -9.55 -21.49 15.17
CA HIS B 74 -10.82 -20.76 15.28
C HIS B 74 -10.92 -19.62 14.30
N PRO B 75 -12.15 -19.14 14.08
CA PRO B 75 -12.37 -18.02 13.16
C PRO B 75 -11.96 -16.74 13.85
N VAL B 76 -11.69 -15.71 13.05
CA VAL B 76 -11.36 -14.39 13.58
C VAL B 76 -12.34 -13.52 12.79
N ARG B 77 -13.37 -13.04 13.47
CA ARG B 77 -14.42 -12.22 12.84
C ARG B 77 -14.15 -10.74 12.96
N SER B 78 -15.00 -9.96 12.29
CA SER B 78 -14.87 -8.52 12.35
C SER B 78 -15.14 -8.07 13.79
N SER B 79 -15.83 -8.91 14.54
CA SER B 79 -16.15 -8.61 15.93
C SER B 79 -14.96 -8.81 16.86
N ASP B 80 -13.79 -9.11 16.30
CA ASP B 80 -12.60 -9.33 17.12
C ASP B 80 -11.45 -8.43 16.75
N CYS B 81 -10.38 -8.55 17.50
CA CYS B 81 -9.17 -7.83 17.20
C CYS B 81 -8.12 -8.93 17.33
N VAL B 82 -7.08 -8.90 16.53
CA VAL B 82 -6.06 -9.94 16.60
C VAL B 82 -4.78 -9.47 17.24
N SER B 83 -4.14 -10.35 17.98
CA SER B 83 -2.88 -10.05 18.63
C SER B 83 -1.86 -11.08 18.20
N TYR B 84 -0.64 -10.63 17.97
CA TYR B 84 0.43 -11.54 17.58
C TYR B 84 1.55 -11.37 18.58
N GLU B 85 2.12 -12.48 19.03
CA GLU B 85 3.24 -12.44 19.95
C GLU B 85 4.26 -13.40 19.38
N SER B 86 5.53 -13.02 19.41
CA SER B 86 6.56 -13.88 18.88
C SER B 86 7.91 -13.63 19.53
N PHE B 87 8.75 -14.66 19.53
CA PHE B 87 10.08 -14.55 20.09
C PHE B 87 10.97 -15.69 19.63
N VAL B 88 12.28 -15.45 19.59
CA VAL B 88 13.23 -16.48 19.20
C VAL B 88 13.19 -17.50 20.32
N ILE B 89 13.05 -18.78 19.98
CA ILE B 89 12.99 -19.81 21.01
C ILE B 89 13.96 -20.95 20.75
N TRP B 90 14.75 -20.84 19.69
CA TRP B 90 15.73 -21.86 19.34
C TRP B 90 16.73 -21.27 18.37
N THR B 91 17.98 -21.71 18.42
CA THR B 91 18.98 -21.21 17.50
C THR B 91 19.91 -22.32 17.05
N GLY B 92 20.51 -22.13 15.88
CA GLY B 92 21.45 -23.10 15.35
C GLY B 92 22.76 -22.34 15.34
N ARG B 93 23.34 -22.15 14.16
CA ARG B 93 24.58 -21.40 14.07
C ARG B 93 24.19 -20.06 13.48
N THR B 94 23.51 -20.12 12.34
CA THR B 94 23.05 -18.92 11.62
C THR B 94 21.54 -18.82 11.53
N SER B 95 20.82 -19.76 12.14
CA SER B 95 19.36 -19.73 12.06
C SER B 95 18.65 -19.67 13.40
N GLU B 97 14.55 -20.32 15.27
CA GLU B 97 13.19 -20.81 15.14
C GLU B 97 12.40 -19.79 15.97
N VAL B 98 11.50 -19.05 15.32
CA VAL B 98 10.72 -18.08 16.06
C VAL B 98 9.30 -18.57 16.27
N PHE B 99 8.86 -18.53 17.53
CA PHE B 99 7.52 -18.99 17.86
C PHE B 99 6.55 -17.83 17.73
N VAL B 100 5.33 -18.13 17.29
CA VAL B 100 4.33 -17.08 17.13
C VAL B 100 2.98 -17.57 17.56
N LYS B 101 2.28 -16.78 18.36
CA LYS B 101 0.94 -17.18 18.76
C LYS B 101 -0.04 -16.08 18.41
N VAL B 102 -1.16 -16.48 17.81
CA VAL B 102 -2.20 -15.56 17.39
C VAL B 102 -3.40 -15.64 18.34
N VAL B 103 -3.69 -14.54 19.02
CA VAL B 103 -4.81 -14.50 19.94
C VAL B 103 -5.96 -13.64 19.44
N SER B 104 -7.13 -14.23 19.37
CA SER B 104 -8.31 -13.53 18.93
C SER B 104 -9.07 -13.04 20.15
N GLU B 105 -9.42 -11.76 20.19
CA GLU B 105 -10.13 -11.23 21.35
C GLU B 105 -11.45 -10.57 20.99
N TYR B 106 -12.50 -10.95 21.71
CA TYR B 106 -13.81 -10.40 21.47
C TYR B 106 -13.97 -8.97 21.94
N LEU B 107 -14.34 -8.09 21.02
CA LEU B 107 -14.50 -6.68 21.35
C LEU B 107 -15.40 -6.33 22.53
N ILE B 108 -16.67 -6.70 22.48
CA ILE B 108 -17.56 -6.36 23.59
C ILE B 108 -17.56 -7.31 24.78
N SER B 109 -17.02 -8.52 24.62
CA SER B 109 -17.03 -9.47 25.73
C SER B 109 -15.67 -9.79 26.36
N GLY B 110 -14.58 -9.31 25.77
CA GLY B 110 -13.26 -9.58 26.31
C GLY B 110 -12.75 -11.02 26.18
N GLU B 111 -13.56 -11.91 25.60
CA GLU B 111 -13.15 -13.30 25.44
C GLU B 111 -11.99 -13.50 24.47
N LYS B 112 -11.06 -14.38 24.84
CA LYS B 112 -9.87 -14.67 24.04
C LYS B 112 -9.68 -16.17 23.74
N ARG B 113 -9.02 -16.50 22.63
CA ARG B 113 -8.71 -17.89 22.30
C ARG B 113 -7.48 -17.87 21.41
N ILE B 114 -6.72 -18.95 21.38
CA ILE B 114 -5.58 -19.01 20.48
C ILE B 114 -6.24 -19.35 19.15
N ALA B 115 -5.96 -18.57 18.12
CA ALA B 115 -6.55 -18.84 16.82
C ALA B 115 -5.58 -19.67 16.01
N ALA B 116 -4.29 -19.58 16.36
CA ALA B 116 -3.23 -20.31 15.69
C ALA B 116 -1.89 -20.07 16.34
N THR B 117 -0.95 -20.98 16.07
CA THR B 117 0.42 -20.93 16.58
C THR B 117 1.29 -21.48 15.48
N SER B 118 2.60 -21.27 15.59
CA SER B 118 3.51 -21.79 14.58
C SER B 118 4.96 -21.39 14.81
N PHE B 119 5.84 -22.01 14.05
CA PHE B 119 7.26 -21.71 14.13
C PHE B 119 7.72 -21.23 12.76
N VAL B 120 8.40 -20.10 12.74
CA VAL B 120 8.90 -19.55 11.49
C VAL B 120 10.41 -19.61 11.64
N THR B 121 11.09 -20.10 10.61
CA THR B 121 12.54 -20.20 10.69
C THR B 121 13.20 -19.11 9.87
N PHE B 122 14.07 -18.36 10.51
CA PHE B 122 14.80 -17.29 9.85
C PHE B 122 16.29 -17.58 9.82
N VAL B 123 16.97 -17.03 8.82
CA VAL B 123 18.41 -17.20 8.69
C VAL B 123 19.02 -15.81 8.54
N ALA B 124 20.04 -15.53 9.35
CA ALA B 124 20.70 -14.23 9.29
C ALA B 124 21.71 -14.20 8.15
N LEU B 125 21.73 -13.12 7.38
CA LEU B 125 22.67 -13.04 6.27
C LEU B 125 23.46 -11.74 6.26
N SER B 126 24.66 -11.83 5.70
CA SER B 126 25.54 -10.66 5.60
C SER B 126 25.14 -9.91 4.34
N LYS B 127 25.68 -8.71 4.15
CA LYS B 127 25.36 -7.93 2.97
C LYS B 127 25.75 -8.65 1.68
N GLU B 128 26.46 -9.78 1.81
CA GLU B 128 26.88 -10.56 0.66
C GLU B 128 26.07 -11.85 0.54
N ASN B 129 24.93 -11.90 1.21
CA ASN B 129 24.07 -13.08 1.18
C ASN B 129 24.73 -14.31 1.78
N ASN B 130 25.41 -14.13 2.90
CA ASN B 130 26.05 -15.27 3.55
C ASN B 130 25.53 -15.46 4.96
N PRO B 131 25.15 -16.71 5.31
CA PRO B 131 24.63 -17.01 6.65
C PRO B 131 25.66 -16.61 7.68
N VAL B 132 25.24 -15.75 8.61
CA VAL B 132 26.11 -15.26 9.66
C VAL B 132 25.69 -15.81 11.02
N PRO B 133 26.66 -16.00 11.93
CA PRO B 133 26.34 -16.53 13.26
C PRO B 133 25.40 -15.61 14.02
N VAL B 134 24.57 -16.22 14.86
CA VAL B 134 23.60 -15.50 15.65
C VAL B 134 23.75 -15.91 17.12
N PRO B 135 23.42 -15.00 18.06
CA PRO B 135 23.55 -15.33 19.47
C PRO B 135 22.71 -16.53 19.85
N ARG B 136 23.04 -17.13 21.00
N ARG B 136 23.04 -17.11 21.01
CA ARG B 136 22.29 -18.29 21.48
CA ARG B 136 22.33 -18.27 21.53
C ARG B 136 21.12 -17.73 22.28
C ARG B 136 21.13 -17.74 22.32
N VAL B 137 20.01 -18.44 22.27
CA VAL B 137 18.84 -17.99 23.00
C VAL B 137 18.69 -18.77 24.28
N ILE B 138 18.16 -18.09 25.31
CA ILE B 138 17.98 -18.68 26.62
C ILE B 138 16.56 -18.70 27.14
N PRO B 139 15.92 -19.87 27.12
CA PRO B 139 14.54 -19.99 27.61
C PRO B 139 14.50 -19.74 29.12
N ASP B 140 13.59 -18.90 29.60
CA ASP B 140 13.48 -18.61 31.03
C ASP B 140 12.30 -19.31 31.69
N THR B 141 11.10 -18.82 31.40
CA THR B 141 9.88 -19.37 31.96
C THR B 141 9.64 -20.82 31.57
N GLU B 142 8.68 -21.46 32.23
CA GLU B 142 8.35 -22.83 31.95
C GLU B 142 7.71 -22.93 30.59
N GLU B 143 6.96 -21.90 30.22
CA GLU B 143 6.30 -21.89 28.94
C GLU B 143 7.36 -21.88 27.86
N GLU B 144 8.38 -21.03 28.05
CA GLU B 144 9.46 -20.90 27.10
C GLU B 144 10.26 -22.19 27.01
N LYS B 145 10.53 -22.82 28.15
CA LYS B 145 11.29 -24.06 28.15
C LYS B 145 10.55 -25.14 27.39
N GLU B 146 9.23 -25.19 27.58
CA GLU B 146 8.43 -26.18 26.88
C GLU B 146 8.43 -25.90 25.38
N SER B 147 8.11 -24.66 24.99
CA SER B 147 8.10 -24.30 23.57
C SER B 147 9.46 -24.65 22.93
N HIS B 148 10.54 -24.47 23.69
CA HIS B 148 11.89 -24.77 23.21
C HIS B 148 12.05 -26.24 22.83
N ARG B 149 11.58 -27.14 23.67
CA ARG B 149 11.67 -28.58 23.38
C ARG B 149 10.94 -28.86 22.09
N ILE B 150 9.73 -28.31 21.96
CA ILE B 150 8.94 -28.51 20.77
C ILE B 150 9.73 -28.00 19.58
N ALA B 151 10.46 -26.91 19.76
CA ALA B 151 11.27 -26.34 18.69
C ALA B 151 12.44 -27.26 18.32
N VAL B 152 13.10 -27.81 19.34
CA VAL B 152 14.22 -28.72 19.12
C VAL B 152 13.76 -29.86 18.22
N LEU B 153 12.57 -30.39 18.49
CA LEU B 153 12.01 -31.46 17.69
C LEU B 153 11.77 -30.99 16.26
N ARG B 154 11.19 -29.80 16.12
CA ARG B 154 10.92 -29.26 14.79
C ARG B 154 12.19 -29.19 13.96
N ALA B 155 13.26 -28.70 14.57
CA ALA B 155 14.53 -28.55 13.88
C ALA B 155 15.16 -29.88 13.51
N GLU B 156 15.00 -30.88 14.38
CA GLU B 156 15.58 -32.20 14.12
C GLU B 156 15.10 -32.78 12.80
N GLN B 157 13.98 -32.29 12.28
CA GLN B 157 13.45 -32.81 11.03
C GLN B 157 13.40 -31.83 9.86
N ARG B 158 13.97 -30.63 10.01
CA ARG B 158 13.88 -29.68 8.91
C ARG B 158 14.59 -30.13 7.63
N HIS B 159 15.64 -30.91 7.76
CA HIS B 159 16.38 -31.40 6.58
C HIS B 159 15.50 -32.33 5.77
N ILE B 160 14.61 -33.03 6.43
CA ILE B 160 13.69 -33.95 5.75
C ILE B 160 12.63 -33.15 5.00
N ARG B 161 12.01 -32.23 5.73
N ARG B 161 11.97 -32.24 5.71
CA ARG B 161 10.98 -31.37 5.19
CA ARG B 161 10.94 -31.42 5.09
C ARG B 161 11.49 -30.70 3.91
C ARG B 161 11.51 -30.71 3.86
N LYS B 162 12.71 -30.17 3.97
CA LYS B 162 13.31 -29.48 2.83
C LYS B 162 13.59 -30.44 1.67
N ALA B 163 14.07 -31.63 1.98
CA ALA B 163 14.36 -32.60 0.93
C ALA B 163 13.06 -32.98 0.24
N GLU B 164 11.97 -32.96 1.00
CA GLU B 164 10.65 -33.28 0.48
C GLU B 164 10.18 -32.14 -0.44
N SER B 165 10.42 -30.91 -0.02
CA SER B 165 10.04 -29.75 -0.80
C SER B 165 10.81 -29.69 -2.11
N LYS B 166 12.11 -30.00 -2.04
CA LYS B 166 12.97 -29.98 -3.23
C LYS B 166 12.53 -31.02 -4.25
N LYS B 167 12.08 -32.17 -3.78
CA LYS B 167 11.66 -33.19 -4.71
C LYS B 167 10.43 -32.77 -5.47
N VAL B 168 9.45 -32.20 -4.76
CA VAL B 168 8.23 -31.74 -5.42
C VAL B 168 8.60 -30.73 -6.52
N ALA B 169 9.46 -29.78 -6.19
CA ALA B 169 9.88 -28.79 -7.17
C ALA B 169 10.48 -29.49 -8.38
N THR B 170 11.14 -30.60 -8.11
CA THR B 170 11.79 -31.40 -9.14
C THR B 170 10.82 -31.92 -10.18
N LEU B 171 9.78 -32.59 -9.72
CA LEU B 171 8.80 -33.16 -10.63
C LEU B 171 7.82 -32.13 -11.19
N LEU B 172 8.09 -30.86 -10.97
CA LEU B 172 7.19 -29.83 -11.48
C LEU B 172 7.65 -29.16 -12.75
N THR B 173 6.71 -29.03 -13.69
CA THR B 173 6.96 -28.38 -14.95
C THR B 173 6.32 -27.00 -14.87
N PHE B 174 7.13 -25.98 -15.15
CA PHE B 174 6.71 -24.59 -15.09
C PHE B 174 7.22 -23.88 -16.34
N LYS C 11 12.51 35.21 -1.32
CA LYS C 11 12.03 36.58 -0.99
C LYS C 11 10.62 36.60 -0.38
N GLY C 12 9.61 36.80 -1.24
CA GLY C 12 8.24 36.87 -0.77
C GLY C 12 7.34 35.95 -1.58
N LYS C 13 6.38 35.33 -0.92
CA LYS C 13 5.48 34.39 -1.58
C LYS C 13 4.06 34.44 -1.03
N THR C 14 3.09 34.59 -1.92
CA THR C 14 1.69 34.64 -1.53
C THR C 14 1.28 33.35 -0.82
N ALA C 15 0.30 33.44 0.07
CA ALA C 15 -0.17 32.27 0.78
C ALA C 15 -0.69 31.26 -0.23
N ASN C 16 -1.61 31.74 -1.08
CA ASN C 16 -2.23 30.92 -2.12
C ASN C 16 -1.22 30.21 -3.03
N GLU C 17 -0.01 30.72 -3.09
CA GLU C 17 1.02 30.11 -3.90
C GLU C 17 1.44 28.74 -3.36
N SER C 18 0.76 28.29 -2.30
CA SER C 18 1.07 27.00 -1.69
C SER C 18 -0.19 26.28 -1.26
N ARG C 19 -1.33 26.84 -1.64
CA ARG C 19 -2.61 26.25 -1.31
C ARG C 19 -2.66 24.87 -1.99
N VAL C 20 -3.19 23.87 -1.28
CA VAL C 20 -3.32 22.52 -1.81
C VAL C 20 -4.69 21.92 -1.51
N PHE C 21 -5.33 21.36 -2.54
CA PHE C 21 -6.64 20.74 -2.39
C PHE C 21 -6.58 19.23 -2.53
N LYS C 22 -7.64 18.58 -2.08
CA LYS C 22 -7.73 17.12 -2.16
C LYS C 22 -9.06 16.57 -1.68
N THR C 23 -9.79 15.95 -2.59
CA THR C 23 -11.07 15.35 -2.23
C THR C 23 -10.97 13.86 -2.48
N SER C 24 -11.47 13.09 -1.52
CA SER C 24 -11.46 11.63 -1.59
C SER C 24 -12.81 11.10 -1.14
N ARG C 25 -13.08 9.84 -1.45
CA ARG C 25 -14.30 9.21 -1.01
C ARG C 25 -13.95 8.64 0.35
N VAL C 26 -14.95 8.08 1.04
CA VAL C 26 -14.70 7.50 2.33
C VAL C 26 -14.77 5.99 2.17
N PHE C 27 -13.63 5.33 2.28
CA PHE C 27 -13.59 3.89 2.11
C PHE C 27 -13.83 3.12 3.39
N PRO C 28 -14.49 1.96 3.26
CA PRO C 28 -14.80 1.10 4.41
C PRO C 28 -13.60 0.81 5.29
N THR C 29 -12.43 0.69 4.67
CA THR C 29 -11.19 0.42 5.38
C THR C 29 -11.01 1.36 6.58
N ASP C 30 -11.30 2.64 6.36
CA ASP C 30 -11.12 3.65 7.39
C ASP C 30 -12.32 3.96 8.29
N LEU C 31 -13.36 3.15 8.24
CA LEU C 31 -14.52 3.39 9.10
C LEU C 31 -14.40 2.55 10.35
N ASN C 32 -14.68 3.15 11.50
CA ASN C 32 -14.62 2.39 12.75
C ASN C 32 -15.91 1.60 12.86
N ASP C 33 -16.12 0.99 14.02
N ASP C 33 -16.16 0.95 13.98
CA ASP C 33 -17.31 0.19 14.29
CA ASP C 33 -17.38 0.17 14.09
C ASP C 33 -18.57 1.04 14.43
C ASP C 33 -18.62 1.03 14.24
N HIS C 34 -18.43 2.35 14.27
CA HIS C 34 -19.55 3.28 14.38
C HIS C 34 -19.84 3.95 13.05
N ASN C 35 -19.33 3.34 11.99
CA ASN C 35 -19.50 3.84 10.64
C ASN C 35 -19.14 5.31 10.50
N THR C 36 -17.96 5.65 11.02
CA THR C 36 -17.42 6.99 10.93
C THR C 36 -15.90 6.85 10.76
N LEU C 37 -15.25 7.86 10.19
CA LEU C 37 -13.81 7.81 9.98
C LEU C 37 -12.98 7.74 11.27
N PHE C 38 -11.86 7.03 11.20
CA PHE C 38 -10.95 6.97 12.34
C PHE C 38 -10.31 8.34 12.32
N GLY C 39 -10.14 8.96 13.48
CA GLY C 39 -9.51 10.27 13.49
C GLY C 39 -8.15 10.20 12.81
N GLY C 40 -7.47 9.09 13.04
CA GLY C 40 -6.16 8.85 12.46
C GLY C 40 -6.12 9.08 10.96
N LYS C 41 -7.14 8.59 10.25
CA LYS C 41 -7.20 8.76 8.82
C LYS C 41 -7.13 10.24 8.49
N ILE C 42 -7.96 11.03 9.16
CA ILE C 42 -7.97 12.46 8.93
C ILE C 42 -6.61 13.05 9.32
N LEU C 43 -6.09 12.73 10.50
CA LEU C 43 -4.80 13.27 10.89
C LEU C 43 -3.76 13.05 9.80
N SER C 44 -3.73 11.86 9.21
CA SER C 44 -2.76 11.56 8.17
C SER C 44 -2.92 12.42 6.93
N GLU C 45 -4.15 12.61 6.50
CA GLU C 45 -4.39 13.42 5.33
C GLU C 45 -4.01 14.87 5.57
N ASP C 47 -1.72 15.96 7.53
CA ASP C 47 -0.27 16.06 7.46
C ASP C 47 0.21 15.93 6.03
N VAL C 49 -1.29 16.43 2.98
CA VAL C 49 -1.61 17.59 2.20
C VAL C 49 -0.77 18.79 2.65
N ALA C 50 -0.57 18.93 3.96
CA ALA C 50 0.20 20.04 4.50
C ALA C 50 1.66 19.98 4.16
N SER C 51 2.21 18.77 4.05
CA SER C 51 3.63 18.63 3.72
C SER C 51 3.86 19.08 2.28
N ILE C 52 2.88 18.83 1.41
CA ILE C 52 3.00 19.25 0.03
C ILE C 52 3.03 20.79 0.01
N SER C 53 2.11 21.42 0.75
CA SER C 53 2.07 22.87 0.82
C SER C 53 3.43 23.39 1.27
N ALA C 54 3.97 22.77 2.31
CA ALA C 54 5.26 23.16 2.86
C ALA C 54 6.38 23.14 1.81
N SER C 55 6.51 22.04 1.07
CA SER C 55 7.56 21.97 0.08
C SER C 55 7.26 22.85 -1.16
N ARG C 56 5.98 23.09 -1.43
CA ARG C 56 5.62 23.94 -2.57
C ARG C 56 6.13 25.34 -2.26
N HIS C 57 5.99 25.74 -1.01
CA HIS C 57 6.41 27.06 -0.57
C HIS C 57 7.92 27.18 -0.45
N SER C 58 8.54 26.24 0.25
CA SER C 58 9.98 26.27 0.46
C SER C 58 10.80 25.70 -0.69
N ARG C 59 10.17 24.89 -1.53
CA ARG C 59 10.87 24.25 -2.64
C ARG C 59 12.05 23.43 -2.15
N LYS C 60 11.98 23.06 -0.89
CA LYS C 60 12.97 22.21 -0.25
C LYS C 60 12.03 21.15 0.29
N GLU C 61 12.48 19.91 0.43
CA GLU C 61 11.57 18.91 0.95
C GLU C 61 11.57 19.02 2.48
N CYS C 62 10.37 19.06 3.04
CA CYS C 62 10.23 19.24 4.48
C CYS C 62 9.92 18.05 5.35
N VAL C 63 10.04 18.33 6.64
CA VAL C 63 9.84 17.39 7.74
C VAL C 63 8.79 17.96 8.70
N THR C 64 7.87 17.14 9.19
CA THR C 64 6.86 17.67 10.11
C THR C 64 7.42 17.73 11.52
N ALA C 65 7.39 18.91 12.11
CA ALA C 65 7.94 19.12 13.44
C ALA C 65 6.94 18.88 14.55
N SER C 66 5.71 19.35 14.34
CA SER C 66 4.68 19.17 15.35
C SER C 66 3.30 19.39 14.78
N ASP C 68 -0.67 20.66 15.85
CA ASP C 68 -1.44 21.38 16.85
C ASP C 68 -2.59 20.49 17.34
N TRP C 69 -3.19 20.89 18.46
CA TRP C 69 -4.33 20.17 19.02
C TRP C 69 -5.36 20.01 17.90
N VAL C 70 -6.13 18.93 17.91
CA VAL C 70 -7.13 18.75 16.86
C VAL C 70 -8.47 18.27 17.42
N ASP C 71 -9.51 19.06 17.21
CA ASP C 71 -10.85 18.70 17.67
C ASP C 71 -11.70 18.16 16.53
N PHE C 72 -12.18 16.93 16.67
CA PHE C 72 -13.04 16.34 15.65
C PHE C 72 -14.49 16.76 15.87
N LEU C 73 -14.82 17.93 15.34
CA LEU C 73 -16.13 18.55 15.49
C LEU C 73 -17.32 17.78 14.98
N HIS C 74 -17.17 17.10 13.85
CA HIS C 74 -18.27 16.32 13.30
C HIS C 74 -17.86 14.99 12.74
N PRO C 75 -18.75 14.01 12.82
CA PRO C 75 -18.35 12.72 12.26
C PRO C 75 -18.32 12.85 10.74
N VAL C 76 -17.50 12.03 10.11
CA VAL C 76 -17.38 11.97 8.66
C VAL C 76 -17.84 10.56 8.34
N ARG C 77 -18.96 10.44 7.65
CA ARG C 77 -19.50 9.11 7.35
C ARG C 77 -19.26 8.64 5.93
N SER C 78 -19.61 7.38 5.68
CA SER C 78 -19.45 6.77 4.37
C SER C 78 -20.34 7.47 3.35
N SER C 79 -21.38 8.14 3.85
CA SER C 79 -22.29 8.85 2.98
C SER C 79 -21.71 10.20 2.56
N ASP C 80 -20.51 10.52 3.05
CA ASP C 80 -19.85 11.79 2.71
C ASP C 80 -18.58 11.53 1.92
N CYS C 81 -17.88 12.61 1.63
CA CYS C 81 -16.60 12.54 0.96
C CYS C 81 -15.84 13.71 1.57
N VAL C 82 -14.58 13.50 1.95
CA VAL C 82 -13.81 14.56 2.58
C VAL C 82 -12.94 15.36 1.62
N SER C 83 -12.75 16.63 1.96
CA SER C 83 -11.93 17.51 1.15
C SER C 83 -10.93 18.15 2.10
N TYR C 84 -9.71 18.32 1.65
CA TYR C 84 -8.68 18.92 2.47
C TYR C 84 -8.08 20.12 1.78
N GLU C 85 -8.01 21.24 2.49
CA GLU C 85 -7.40 22.43 1.94
C GLU C 85 -6.28 22.80 2.89
N SER C 86 -5.12 23.14 2.36
CA SER C 86 -4.02 23.52 3.24
C SER C 86 -3.12 24.54 2.56
N PHE C 87 -2.46 25.36 3.38
CA PHE C 87 -1.56 26.38 2.88
C PHE C 87 -0.81 27.02 4.04
N VAL C 88 0.38 27.50 3.73
CA VAL C 88 1.24 28.17 4.69
C VAL C 88 0.65 29.53 5.06
N ILE C 89 0.66 29.90 6.34
CA ILE C 89 0.16 31.22 6.73
C ILE C 89 1.04 31.84 7.78
N TRP C 90 2.21 31.29 7.98
CA TRP C 90 3.16 31.83 8.93
C TRP C 90 4.52 31.22 8.66
N THR C 91 5.55 32.02 8.85
CA THR C 91 6.90 31.57 8.59
C THR C 91 7.83 32.10 9.66
N GLY C 92 8.91 31.39 9.89
CA GLY C 92 9.87 31.80 10.90
C GLY C 92 11.15 31.96 10.12
N ARG C 93 12.20 31.25 10.51
CA ARG C 93 13.44 31.35 9.77
C ARG C 93 13.48 30.14 8.84
N THR C 94 13.26 28.96 9.42
CA THR C 94 13.27 27.72 8.66
C THR C 94 12.01 26.90 8.90
N SER C 95 11.10 27.42 9.70
CA SER C 95 9.86 26.70 9.99
C SER C 95 8.64 27.40 9.40
N GLU C 97 4.21 27.49 9.49
CA GLU C 97 3.00 27.08 10.15
C GLU C 97 2.04 26.84 8.98
N VAL C 98 1.60 25.59 8.78
CA VAL C 98 0.67 25.28 7.70
C VAL C 98 -0.72 25.07 8.25
N PHE C 99 -1.71 25.72 7.66
CA PHE C 99 -3.08 25.58 8.13
C PHE C 99 -3.81 24.54 7.29
N VAL C 100 -4.67 23.76 7.91
CA VAL C 100 -5.39 22.71 7.19
C VAL C 100 -6.83 22.66 7.59
N LYS C 101 -7.74 22.62 6.62
CA LYS C 101 -9.13 22.48 6.98
C LYS C 101 -9.70 21.24 6.32
N VAL C 102 -10.64 20.61 7.02
CA VAL C 102 -11.26 19.39 6.55
C VAL C 102 -12.76 19.60 6.44
N VAL C 103 -13.28 19.43 5.23
CA VAL C 103 -14.71 19.60 4.99
C VAL C 103 -15.37 18.30 4.58
N SER C 104 -16.51 17.99 5.19
CA SER C 104 -17.24 16.78 4.83
C SER C 104 -18.38 17.26 3.94
N GLU C 105 -18.66 16.53 2.86
CA GLU C 105 -19.74 16.94 1.97
C GLU C 105 -20.68 15.78 1.78
N TYR C 106 -21.95 16.00 2.06
CA TYR C 106 -22.96 14.96 1.91
C TYR C 106 -23.27 14.82 0.42
N LEU C 107 -23.04 13.62 -0.11
CA LEU C 107 -23.27 13.32 -1.53
C LEU C 107 -24.63 13.74 -2.06
N ILE C 108 -25.69 13.15 -1.52
CA ILE C 108 -27.03 13.45 -2.02
C ILE C 108 -27.60 14.80 -1.62
N SER C 109 -27.33 15.25 -0.39
CA SER C 109 -27.86 16.54 0.05
C SER C 109 -27.03 17.69 -0.52
N GLY C 110 -25.71 17.49 -0.58
CA GLY C 110 -24.85 18.53 -1.10
C GLY C 110 -24.33 19.45 -0.01
N GLU C 111 -24.84 19.27 1.21
CA GLU C 111 -24.45 20.09 2.35
C GLU C 111 -23.07 19.80 2.93
N LYS C 112 -22.37 20.86 3.30
CA LYS C 112 -21.03 20.76 3.86
C LYS C 112 -20.89 21.09 5.34
N ARG C 113 -19.76 20.71 5.92
CA ARG C 113 -19.45 20.94 7.32
C ARG C 113 -17.95 20.90 7.51
N ILE C 114 -17.43 21.76 8.36
CA ILE C 114 -16.00 21.73 8.67
C ILE C 114 -15.92 20.59 9.68
N ALA C 115 -15.19 19.53 9.33
CA ALA C 115 -15.08 18.40 10.24
C ALA C 115 -13.98 18.65 11.25
N ALA C 116 -12.98 19.40 10.83
CA ALA C 116 -11.84 19.70 11.68
C ALA C 116 -10.90 20.67 11.00
N THR C 117 -9.99 21.26 11.79
CA THR C 117 -9.01 22.20 11.28
C THR C 117 -7.79 22.15 12.20
N SER C 118 -6.67 22.66 11.72
CA SER C 118 -5.47 22.68 12.54
C SER C 118 -4.26 23.27 11.83
N PHE C 119 -3.17 23.35 12.58
CA PHE C 119 -1.92 23.87 12.05
C PHE C 119 -0.86 22.78 12.21
N VAL C 120 -0.03 22.60 11.19
CA VAL C 120 1.02 21.61 11.26
C VAL C 120 2.29 22.37 10.95
N THR C 121 3.27 22.28 11.84
CA THR C 121 4.52 22.97 11.66
C THR C 121 5.53 22.13 10.89
N PHE C 122 6.04 22.69 9.80
CA PHE C 122 7.05 21.99 9.01
C PHE C 122 8.35 22.77 9.05
N VAL C 123 9.45 22.06 8.90
CA VAL C 123 10.77 22.65 8.91
C VAL C 123 11.49 22.17 7.65
N ALA C 124 12.12 23.10 6.94
CA ALA C 124 12.83 22.75 5.71
C ALA C 124 14.25 22.26 6.04
N LEU C 125 14.70 21.21 5.33
CA LEU C 125 16.04 20.66 5.56
C LEU C 125 16.89 20.52 4.31
N SER C 126 18.20 20.58 4.50
CA SER C 126 19.16 20.43 3.42
C SER C 126 19.36 18.95 3.21
N LYS C 127 20.19 18.59 2.24
CA LYS C 127 20.47 17.19 1.99
C LYS C 127 21.16 16.64 3.24
N GLU C 128 21.93 17.52 3.90
N GLU C 128 21.93 17.52 3.91
CA GLU C 128 22.66 17.14 5.10
CA GLU C 128 22.67 17.16 5.11
C GLU C 128 21.81 17.28 6.37
C GLU C 128 21.81 17.28 6.38
N ASN C 129 20.49 17.35 6.20
CA ASN C 129 19.55 17.48 7.31
C ASN C 129 19.79 18.66 8.24
N ASN C 130 19.76 19.86 7.68
CA ASN C 130 19.97 21.09 8.44
C ASN C 130 18.86 22.08 8.13
N PRO C 131 18.30 22.71 9.16
CA PRO C 131 17.22 23.68 8.89
C PRO C 131 17.74 24.74 7.92
N VAL C 132 17.01 24.92 6.82
CA VAL C 132 17.37 25.88 5.80
C VAL C 132 16.30 26.98 5.67
N PRO C 133 16.73 28.22 5.46
CA PRO C 133 15.79 29.35 5.33
C PRO C 133 14.65 29.09 4.36
N VAL C 134 13.54 29.78 4.62
CA VAL C 134 12.34 29.64 3.83
C VAL C 134 11.74 31.01 3.55
N PRO C 135 11.17 31.21 2.35
CA PRO C 135 10.56 32.48 1.95
C PRO C 135 9.50 32.94 2.96
N ARG C 136 9.21 34.23 2.98
CA ARG C 136 8.18 34.74 3.88
C ARG C 136 6.86 34.46 3.18
N VAL C 137 5.78 34.39 3.94
CA VAL C 137 4.49 34.14 3.33
C VAL C 137 3.68 35.44 3.35
N ILE C 138 2.93 35.69 2.29
CA ILE C 138 2.13 36.90 2.23
C ILE C 138 0.65 36.62 2.22
N PRO C 139 -0.02 36.85 3.35
CA PRO C 139 -1.46 36.63 3.45
C PRO C 139 -2.19 37.68 2.61
N ASP C 140 -3.06 37.26 1.70
CA ASP C 140 -3.80 38.21 0.86
C ASP C 140 -5.18 38.43 1.44
N THR C 141 -6.02 37.42 1.28
CA THR C 141 -7.40 37.45 1.73
C THR C 141 -7.59 37.85 3.19
N GLU C 142 -8.80 38.31 3.50
CA GLU C 142 -9.14 38.68 4.85
C GLU C 142 -9.01 37.43 5.71
N GLU C 143 -9.64 36.35 5.24
CA GLU C 143 -9.62 35.07 5.96
C GLU C 143 -8.19 34.60 6.20
N GLU C 144 -7.31 34.81 5.23
CA GLU C 144 -5.92 34.41 5.37
C GLU C 144 -5.30 35.22 6.51
N LYS C 145 -5.50 36.53 6.48
CA LYS C 145 -4.98 37.43 7.50
C LYS C 145 -5.42 37.00 8.90
N GLU C 146 -6.69 36.64 9.03
CA GLU C 146 -7.20 36.20 10.31
C GLU C 146 -6.54 34.88 10.71
N SER C 147 -6.35 33.98 9.76
CA SER C 147 -5.72 32.72 10.09
C SER C 147 -4.27 32.98 10.42
N HIS C 148 -3.65 33.99 9.82
CA HIS C 148 -2.26 34.28 10.11
C HIS C 148 -2.14 34.90 11.50
N ARG C 149 -3.11 35.75 11.84
N ARG C 149 -3.11 35.76 11.87
CA ARG C 149 -3.17 36.42 13.11
CA ARG C 149 -3.13 36.42 13.16
C ARG C 149 -3.14 35.35 14.19
C ARG C 149 -3.13 35.33 14.22
N ILE C 150 -3.75 34.21 13.89
CA ILE C 150 -3.82 33.10 14.82
C ILE C 150 -2.57 32.26 14.80
N ALA C 151 -2.07 31.98 13.60
CA ALA C 151 -0.85 31.19 13.45
C ALA C 151 0.27 31.83 14.27
N VAL C 152 0.20 33.15 14.42
CA VAL C 152 1.20 33.88 15.18
C VAL C 152 1.10 33.51 16.66
N LEU C 153 -0.09 33.59 17.24
CA LEU C 153 -0.28 33.24 18.63
C LEU C 153 0.23 31.82 18.87
N ARG C 154 -0.05 30.92 17.94
CA ARG C 154 0.39 29.53 18.09
C ARG C 154 1.92 29.44 18.14
N ALA C 155 2.57 30.13 17.22
CA ALA C 155 4.03 30.10 17.16
C ALA C 155 4.65 30.65 18.44
N GLU C 156 3.96 31.59 19.07
CA GLU C 156 4.44 32.22 20.30
C GLU C 156 4.41 31.27 21.49
N GLN C 157 3.58 30.24 21.41
CA GLN C 157 3.48 29.28 22.49
C GLN C 157 4.23 27.99 22.19
N ARG C 158 4.83 27.92 21.01
CA ARG C 158 5.51 26.69 20.63
C ARG C 158 6.62 26.28 21.59
N HIS C 159 7.23 27.24 22.28
CA HIS C 159 8.31 26.88 23.20
C HIS C 159 7.80 26.20 24.45
N ILE C 160 6.61 26.58 24.93
CA ILE C 160 6.11 25.93 26.13
C ILE C 160 5.46 24.60 25.78
N ARG C 161 4.91 24.52 24.58
CA ARG C 161 4.26 23.28 24.14
C ARG C 161 5.33 22.20 24.02
N LYS C 162 6.53 22.61 23.63
CA LYS C 162 7.63 21.68 23.49
C LYS C 162 8.17 21.28 24.87
N ALA C 163 8.12 22.21 25.82
CA ALA C 163 8.60 21.92 27.16
C ALA C 163 7.68 20.90 27.80
N GLU C 164 6.42 20.95 27.44
CA GLU C 164 5.44 20.03 27.98
C GLU C 164 5.74 18.61 27.46
N SER C 165 6.04 18.51 26.17
CA SER C 165 6.36 17.24 25.54
C SER C 165 7.67 16.63 25.98
N LYS C 166 8.71 17.46 26.06
CA LYS C 166 10.03 17.00 26.48
C LYS C 166 9.96 16.47 27.91
N LYS C 167 9.05 17.02 28.71
CA LYS C 167 8.86 16.60 30.09
C LYS C 167 8.32 15.18 30.14
N VAL C 168 7.21 14.95 29.44
CA VAL C 168 6.60 13.64 29.40
C VAL C 168 7.61 12.61 28.90
N ALA C 169 8.38 12.98 27.90
CA ALA C 169 9.37 12.04 27.37
C ALA C 169 10.38 11.72 28.46
N THR C 170 10.80 12.74 29.20
CA THR C 170 11.78 12.54 30.24
C THR C 170 11.33 11.55 31.30
N LEU C 171 10.12 11.74 31.83
CA LEU C 171 9.64 10.84 32.86
C LEU C 171 9.37 9.42 32.37
N LEU C 172 9.13 9.25 31.08
CA LEU C 172 8.84 7.92 30.55
C LEU C 172 10.02 6.96 30.61
N THR C 173 9.70 5.73 31.00
CA THR C 173 10.69 4.66 31.11
C THR C 173 10.39 3.61 30.05
N PHE C 174 11.40 3.27 29.26
CA PHE C 174 11.28 2.30 28.18
C PHE C 174 12.62 1.57 28.05
#